data_6UYB
#
_entry.id   6UYB
#
_cell.length_a   124.418
_cell.length_b   62.090
_cell.length_c   79.620
_cell.angle_alpha   90.000
_cell.angle_beta   117.820
_cell.angle_gamma   90.000
#
_symmetry.space_group_name_H-M   'C 1 2 1'
#
loop_
_entity.id
_entity.type
_entity.pdbx_description
1 polymer 'Transcriptional enhancer factor TEF-4'
2 non-polymer GLYCEROL
3 non-polymer (3R,4R)-1-{3-[(E)-2-(4-chlorophenyl)ethenyl]-4-methoxy-5-methylphenyl}-3,4-dihydroxypyrrolidin-2-one
4 non-polymer 2-AMINO-2-HYDROXYMETHYL-PROPANE-1,3-DIOL
5 water water
#
_entity_poly.entity_id   1
_entity_poly.type   'polypeptide(L)'
_entity_poly.pdbx_seq_one_letter_code
;GSAWQARGLGTARLQLVEFSAFVEPPDAVDSYQRHLFVHISQHCPSPGAPPLESVDVRQIYDKFPEKKGGLRELYDRGPP
HAFFLVKFWADLNWGPSGEEAGAGGSISSGGFYGVSSQYESLEHMTLTCSSKVCSFGKQVVEKVETERAQLEDGRFVYRL
LRSPMCEYLVNFLHKLRQLPERYMMNSVLENFTILQVVTNRDTQELLLCTAYVFEVSTSERGAQHHIYRLVRDGNS
;
_entity_poly.pdbx_strand_id   A,B
#
loop_
_chem_comp.id
_chem_comp.type
_chem_comp.name
_chem_comp.formula
GOL non-polymer GLYCEROL 'C3 H8 O3'
QSJ non-polymer (3R,4R)-1-{3-[(E)-2-(4-chlorophenyl)ethenyl]-4-methoxy-5-methylphenyl}-3,4-dihydroxypyrrolidin-2-one 'C20 H20 Cl N O4'
TRS non-polymer 2-AMINO-2-HYDROXYMETHYL-PROPANE-1,3-DIOL 'C4 H12 N O3 1'
#
# COMPACT_ATOMS: atom_id res chain seq x y z
N GLY A 8 -0.34 -25.17 -15.63
CA GLY A 8 0.25 -23.84 -15.69
C GLY A 8 -0.63 -22.76 -15.10
N LEU A 9 0.01 -21.70 -14.60
CA LEU A 9 -0.71 -20.59 -13.98
C LEU A 9 -0.97 -19.51 -15.02
N GLY A 10 -2.17 -19.49 -15.56
CA GLY A 10 -2.52 -18.48 -16.53
C GLY A 10 -3.80 -18.83 -17.26
N THR A 11 -4.24 -17.87 -18.06
CA THR A 11 -5.32 -18.06 -19.01
C THR A 11 -4.74 -17.96 -20.41
N ALA A 12 -5.60 -18.00 -21.42
CA ALA A 12 -5.14 -17.73 -22.78
C ALA A 12 -4.72 -16.29 -22.95
N ARG A 13 -5.16 -15.41 -22.05
CA ARG A 13 -4.89 -13.98 -22.19
C ARG A 13 -3.61 -13.55 -21.49
N LEU A 14 -3.26 -14.20 -20.37
CA LEU A 14 -2.10 -13.80 -19.59
C LEU A 14 -1.55 -15.01 -18.84
N GLN A 15 -0.24 -15.17 -18.86
CA GLN A 15 0.40 -16.29 -18.18
C GLN A 15 1.55 -15.79 -17.32
N LEU A 16 1.68 -16.35 -16.12
CA LEU A 16 2.83 -16.08 -15.27
C LEU A 16 3.90 -17.10 -15.60
N VAL A 17 5.04 -16.63 -16.11
CA VAL A 17 6.08 -17.53 -16.59
C VAL A 17 7.15 -17.72 -15.52
N GLU A 18 7.39 -16.71 -14.70
CA GLU A 18 8.41 -16.83 -13.68
C GLU A 18 8.08 -15.93 -12.51
N PHE A 19 8.40 -16.41 -11.29
CA PHE A 19 8.30 -15.58 -10.10
C PHE A 19 9.35 -16.07 -9.11
N SER A 20 10.10 -15.14 -8.53
CA SER A 20 11.01 -15.49 -7.44
C SER A 20 11.03 -14.36 -6.42
N ALA A 21 11.17 -14.74 -5.16
CA ALA A 21 11.43 -13.79 -4.07
C ALA A 21 12.74 -14.22 -3.43
N PHE A 22 13.66 -13.27 -3.25
CA PHE A 22 15.02 -13.66 -2.93
C PHE A 22 15.70 -12.63 -2.05
N VAL A 23 16.87 -13.01 -1.54
CA VAL A 23 17.79 -12.10 -0.87
C VAL A 23 19.17 -12.30 -1.49
N GLU A 24 19.87 -11.21 -1.74
CA GLU A 24 21.22 -11.24 -2.30
C GLU A 24 22.25 -10.86 -1.26
N TYR A 32 25.46 -17.13 -9.69
CA TYR A 32 24.68 -17.46 -8.50
C TYR A 32 24.61 -16.29 -7.54
N GLN A 33 24.95 -16.55 -6.26
CA GLN A 33 24.96 -15.55 -5.19
C GLN A 33 23.55 -15.02 -4.90
N ARG A 34 22.55 -15.90 -4.98
CA ARG A 34 21.17 -15.56 -4.64
C ARG A 34 20.58 -16.68 -3.79
N HIS A 35 19.77 -16.29 -2.81
CA HIS A 35 18.98 -17.25 -2.05
C HIS A 35 17.51 -17.03 -2.39
N LEU A 36 16.89 -18.02 -3.02
CA LEU A 36 15.47 -17.97 -3.35
C LEU A 36 14.66 -18.46 -2.16
N PHE A 37 13.85 -17.57 -1.57
CA PHE A 37 12.85 -18.00 -0.60
C PHE A 37 11.78 -18.86 -1.27
N VAL A 38 11.22 -18.35 -2.37
CA VAL A 38 10.20 -19.02 -3.15
C VAL A 38 10.47 -18.72 -4.62
N HIS A 39 9.99 -19.61 -5.49
CA HIS A 39 10.32 -19.49 -6.90
C HIS A 39 9.36 -20.31 -7.73
N ILE A 40 8.92 -19.75 -8.85
CA ILE A 40 8.15 -20.46 -9.87
C ILE A 40 8.88 -20.28 -11.19
N SER A 41 9.26 -21.37 -11.83
CA SER A 41 9.97 -21.30 -13.10
C SER A 41 9.06 -21.70 -14.25
N LEU A 52 -3.72 -29.77 -13.69
CA LEU A 52 -3.68 -29.14 -12.37
C LEU A 52 -4.85 -29.60 -11.51
N GLU A 53 -4.57 -29.88 -10.23
CA GLU A 53 -5.63 -30.24 -9.31
C GLU A 53 -6.47 -29.01 -8.98
N SER A 54 -7.63 -29.25 -8.36
CA SER A 54 -8.57 -28.20 -8.06
C SER A 54 -8.89 -28.17 -6.57
N VAL A 55 -9.23 -26.97 -6.09
CA VAL A 55 -9.61 -26.73 -4.70
C VAL A 55 -10.87 -25.87 -4.71
N ASP A 56 -11.79 -26.14 -3.78
CA ASP A 56 -13.02 -25.36 -3.72
C ASP A 56 -12.75 -24.01 -3.06
N VAL A 57 -13.05 -22.93 -3.79
CA VAL A 57 -12.70 -21.59 -3.35
C VAL A 57 -13.35 -21.26 -2.01
N ARG A 58 -14.54 -21.81 -1.74
CA ARG A 58 -15.23 -21.52 -0.49
C ARG A 58 -14.46 -22.06 0.71
N GLN A 59 -13.55 -23.01 0.51
CA GLN A 59 -12.73 -23.53 1.58
C GLN A 59 -11.62 -22.57 2.01
N ILE A 60 -11.36 -21.52 1.24
CA ILE A 60 -10.32 -20.56 1.59
C ILE A 60 -10.87 -19.14 1.65
N TYR A 61 -12.19 -18.97 1.67
CA TYR A 61 -12.79 -17.64 1.81
C TYR A 61 -12.25 -16.92 3.05
N ASP A 62 -12.19 -17.64 4.16
CA ASP A 62 -11.82 -17.05 5.45
C ASP A 62 -10.38 -16.54 5.46
N LYS A 63 -9.51 -17.03 4.58
CA LYS A 63 -8.12 -16.63 4.55
C LYS A 63 -7.91 -15.24 3.97
N PHE A 64 -8.96 -14.59 3.49
CA PHE A 64 -8.85 -13.32 2.80
C PHE A 64 -10.03 -12.45 3.23
N PRO A 65 -9.92 -11.13 3.05
CA PRO A 65 -11.02 -10.26 3.48
C PRO A 65 -12.33 -10.69 2.85
N GLU A 66 -13.36 -10.82 3.68
CA GLU A 66 -14.67 -11.28 3.21
C GLU A 66 -15.62 -10.13 2.95
N LYS A 67 -15.15 -8.90 3.05
CA LYS A 67 -15.97 -7.73 2.75
C LYS A 67 -15.76 -7.37 1.28
N LYS A 68 -15.98 -6.09 0.93
CA LYS A 68 -15.89 -5.65 -0.45
C LYS A 68 -14.53 -6.00 -1.05
N GLY A 69 -14.55 -6.43 -2.32
CA GLY A 69 -13.31 -6.80 -2.98
C GLY A 69 -12.69 -8.09 -2.47
N GLY A 70 -13.45 -8.91 -1.76
CA GLY A 70 -12.93 -10.16 -1.25
C GLY A 70 -12.92 -11.25 -2.31
N LEU A 71 -12.38 -12.40 -1.90
CA LEU A 71 -12.26 -13.53 -2.82
C LEU A 71 -13.63 -14.00 -3.31
N ARG A 72 -14.60 -14.08 -2.39
CA ARG A 72 -15.95 -14.49 -2.78
C ARG A 72 -16.53 -13.54 -3.82
N GLU A 73 -16.39 -12.23 -3.58
CA GLU A 73 -16.93 -11.26 -4.52
C GLU A 73 -16.17 -11.28 -5.83
N LEU A 74 -14.84 -11.33 -5.78
CA LEU A 74 -14.06 -11.45 -7.01
C LEU A 74 -14.47 -12.67 -7.80
N TYR A 75 -14.60 -13.81 -7.13
CA TYR A 75 -14.99 -15.05 -7.82
C TYR A 75 -16.40 -14.98 -8.35
N ASP A 76 -17.29 -14.22 -7.69
CA ASP A 76 -18.65 -14.04 -8.20
C ASP A 76 -18.65 -13.36 -9.56
N ARG A 77 -17.84 -12.29 -9.71
CA ARG A 77 -17.78 -11.59 -10.99
C ARG A 77 -17.11 -12.43 -12.06
N GLY A 78 -16.21 -13.34 -11.67
CA GLY A 78 -15.54 -14.20 -12.62
C GLY A 78 -14.49 -13.47 -13.43
N PRO A 79 -13.94 -14.12 -14.47
CA PRO A 79 -14.27 -15.47 -14.92
C PRO A 79 -13.63 -16.57 -14.06
N PRO A 80 -14.34 -17.68 -13.86
CA PRO A 80 -13.82 -18.71 -12.95
C PRO A 80 -12.46 -19.27 -13.36
N HIS A 81 -12.14 -19.28 -14.65
CA HIS A 81 -10.89 -19.88 -15.12
C HIS A 81 -9.67 -19.01 -14.83
N ALA A 82 -9.86 -17.81 -14.29
CA ALA A 82 -8.77 -16.90 -13.97
C ALA A 82 -8.28 -17.05 -12.54
N PHE A 83 -8.82 -18.00 -11.77
CA PHE A 83 -8.58 -18.08 -10.34
C PHE A 83 -7.70 -19.27 -10.00
N PHE A 84 -6.61 -19.02 -9.28
CA PHE A 84 -5.63 -20.04 -8.93
C PHE A 84 -5.23 -19.90 -7.48
N LEU A 85 -4.83 -21.03 -6.90
CA LEU A 85 -4.22 -21.06 -5.57
C LEU A 85 -2.81 -21.62 -5.73
N VAL A 86 -1.84 -20.96 -5.10
CA VAL A 86 -0.47 -21.44 -5.08
C VAL A 86 -0.08 -21.72 -3.64
N LYS A 87 0.43 -22.91 -3.40
CA LYS A 87 1.01 -23.22 -2.09
C LYS A 87 2.52 -23.25 -2.23
N PHE A 88 3.19 -22.48 -1.40
CA PHE A 88 4.64 -22.37 -1.38
C PHE A 88 5.18 -23.10 -0.14
N TRP A 89 6.22 -23.89 -0.32
CA TRP A 89 7.05 -24.36 0.77
C TRP A 89 8.36 -23.58 0.67
N ALA A 90 8.53 -22.59 1.56
CA ALA A 90 9.59 -21.61 1.41
C ALA A 90 10.87 -22.10 2.06
N ASP A 91 12.00 -21.75 1.44
CA ASP A 91 13.32 -22.01 1.99
C ASP A 91 13.73 -20.81 2.81
N LEU A 92 13.68 -20.97 4.14
CA LEU A 92 13.99 -19.90 5.08
C LEU A 92 15.34 -20.12 5.76
N ASN A 93 16.19 -20.93 5.15
CA ASN A 93 17.49 -21.31 5.72
C ASN A 93 18.54 -20.50 4.96
N TRP A 94 18.89 -19.35 5.51
CA TRP A 94 19.96 -18.52 4.93
C TRP A 94 20.62 -17.67 6.01
N GLY A 111 21.19 -7.98 3.54
CA GLY A 111 21.30 -8.06 2.10
C GLY A 111 20.14 -7.40 1.38
N PHE A 112 20.09 -7.53 0.05
CA PHE A 112 19.02 -6.92 -0.74
C PHE A 112 17.87 -7.91 -0.94
N TYR A 113 16.69 -7.54 -0.45
CA TYR A 113 15.49 -8.35 -0.58
C TYR A 113 14.74 -7.93 -1.83
N GLY A 114 14.57 -8.85 -2.77
CA GLY A 114 14.03 -8.50 -4.07
C GLY A 114 13.03 -9.52 -4.57
N VAL A 115 12.28 -9.11 -5.57
CA VAL A 115 11.31 -9.96 -6.25
CA VAL A 115 11.33 -9.99 -6.25
C VAL A 115 11.50 -9.79 -7.74
N SER A 116 11.41 -10.88 -8.49
CA SER A 116 11.40 -10.84 -9.96
CA SER A 116 11.42 -10.87 -9.96
C SER A 116 10.21 -11.65 -10.46
N SER A 117 9.63 -11.20 -11.56
CA SER A 117 8.47 -11.86 -12.12
C SER A 117 8.36 -11.55 -13.60
N GLN A 118 7.76 -12.48 -14.34
CA GLN A 118 7.52 -12.28 -15.76
C GLN A 118 6.16 -12.83 -16.12
N TYR A 119 5.33 -11.99 -16.71
CA TYR A 119 4.09 -12.39 -17.34
C TYR A 119 4.25 -12.30 -18.85
N GLU A 120 3.38 -13.03 -19.56
CA GLU A 120 3.37 -13.00 -21.01
C GLU A 120 1.95 -12.93 -21.52
N SER A 121 1.80 -12.38 -22.72
CA SER A 121 0.51 -12.28 -23.36
C SER A 121 0.74 -12.09 -24.86
N LEU A 122 -0.27 -12.43 -25.63
CA LEU A 122 -0.23 -12.23 -27.07
C LEU A 122 -0.86 -10.92 -27.49
N GLU A 123 -1.55 -10.23 -26.59
CA GLU A 123 -2.09 -8.91 -26.87
C GLU A 123 -1.39 -7.87 -26.02
N HIS A 124 -1.17 -6.70 -26.61
CA HIS A 124 -0.54 -5.59 -25.90
C HIS A 124 -1.54 -5.01 -24.90
N MET A 125 -1.17 -5.03 -23.63
CA MET A 125 -2.00 -4.49 -22.57
C MET A 125 -1.14 -3.69 -21.61
N THR A 126 -1.80 -2.89 -20.78
CA THR A 126 -1.23 -2.34 -19.57
C THR A 126 -1.88 -3.05 -18.39
N LEU A 127 -1.06 -3.53 -17.45
CA LEU A 127 -1.55 -4.33 -16.34
C LEU A 127 -1.60 -3.49 -15.07
N THR A 128 -2.64 -3.70 -14.28
CA THR A 128 -2.72 -3.23 -12.90
C THR A 128 -2.60 -4.47 -12.01
N CYS A 129 -1.59 -4.48 -11.15
CA CYS A 129 -1.35 -5.60 -10.26
CA CYS A 129 -1.34 -5.61 -10.25
C CYS A 129 -1.54 -5.15 -8.82
N SER A 130 -2.52 -5.74 -8.14
CA SER A 130 -2.84 -5.39 -6.76
C SER A 130 -2.51 -6.58 -5.89
N SER A 131 -1.58 -6.39 -4.95
CA SER A 131 -1.19 -7.42 -4.01
C SER A 131 -1.71 -7.02 -2.64
N LYS A 132 -2.39 -7.95 -1.97
CA LYS A 132 -2.86 -7.73 -0.61
C LYS A 132 -2.24 -8.79 0.28
N VAL A 133 -1.54 -8.35 1.32
CA VAL A 133 -1.01 -9.24 2.34
C VAL A 133 -2.03 -9.28 3.47
N CYS A 134 -2.36 -10.49 3.93
CA CYS A 134 -3.39 -10.66 4.93
C CYS A 134 -2.84 -11.46 6.11
N SER A 135 -3.23 -11.05 7.30
CA SER A 135 -2.85 -11.71 8.54
C SER A 135 -4.13 -12.02 9.27
N PHE A 136 -4.38 -13.31 9.53
CA PHE A 136 -5.63 -13.76 10.11
C PHE A 136 -6.83 -13.28 9.29
N GLY A 137 -6.69 -13.34 7.96
CA GLY A 137 -7.71 -12.89 7.05
C GLY A 137 -7.88 -11.39 6.94
N LYS A 138 -7.28 -10.60 7.81
CA LYS A 138 -7.40 -9.15 7.77
C LYS A 138 -6.30 -8.58 6.89
N GLN A 139 -6.69 -7.69 5.97
CA GLN A 139 -5.74 -7.05 5.08
C GLN A 139 -4.82 -6.14 5.89
N VAL A 140 -3.51 -6.35 5.78
CA VAL A 140 -2.55 -5.52 6.49
C VAL A 140 -1.68 -4.71 5.54
N VAL A 141 -1.53 -5.13 4.29
CA VAL A 141 -0.86 -4.34 3.26
C VAL A 141 -1.65 -4.48 1.97
N GLU A 142 -1.81 -3.38 1.24
CA GLU A 142 -2.17 -3.45 -0.17
C GLU A 142 -1.17 -2.64 -0.97
N LYS A 143 -0.68 -3.22 -2.05
CA LYS A 143 0.23 -2.53 -2.94
C LYS A 143 -0.32 -2.63 -4.35
N VAL A 144 -0.35 -1.51 -5.07
CA VAL A 144 -0.87 -1.48 -6.43
C VAL A 144 0.22 -0.96 -7.34
N GLU A 145 0.56 -1.73 -8.38
CA GLU A 145 1.60 -1.39 -9.35
C GLU A 145 1.03 -1.48 -10.76
N THR A 146 1.69 -0.79 -11.68
CA THR A 146 1.37 -0.85 -13.10
C THR A 146 2.55 -1.45 -13.86
N GLU A 147 2.28 -2.31 -14.84
CA GLU A 147 3.31 -2.93 -15.66
C GLU A 147 2.91 -2.80 -17.14
N ARG A 148 3.81 -2.24 -17.94
CA ARG A 148 3.58 -2.03 -19.36
C ARG A 148 4.21 -3.13 -20.19
N ALA A 149 3.52 -3.48 -21.28
CA ALA A 149 3.98 -4.55 -22.16
C ALA A 149 5.28 -4.15 -22.86
N GLN A 150 6.16 -5.13 -23.04
CA GLN A 150 7.38 -4.99 -23.83
C GLN A 150 7.34 -6.03 -24.93
N LEU A 151 7.40 -5.58 -26.18
CA LEU A 151 7.45 -6.53 -27.29
C LEU A 151 8.78 -7.26 -27.26
N GLU A 152 8.73 -8.59 -27.28
CA GLU A 152 9.96 -9.37 -27.20
C GLU A 152 9.74 -10.74 -27.82
N ASP A 153 10.49 -11.04 -28.89
CA ASP A 153 10.50 -12.34 -29.54
C ASP A 153 9.10 -12.82 -29.89
N GLY A 154 8.34 -11.94 -30.55
CA GLY A 154 7.02 -12.27 -31.06
C GLY A 154 5.88 -12.24 -30.05
N ARG A 155 6.15 -11.89 -28.80
CA ARG A 155 5.11 -11.84 -27.78
C ARG A 155 5.38 -10.65 -26.86
N PHE A 156 4.43 -10.39 -25.97
CA PHE A 156 4.56 -9.30 -25.02
C PHE A 156 4.92 -9.86 -23.66
N VAL A 157 5.93 -9.25 -23.05
CA VAL A 157 6.41 -9.67 -21.74
CA VAL A 157 6.45 -9.66 -21.75
C VAL A 157 6.23 -8.52 -20.76
N TYR A 158 5.82 -8.87 -19.54
CA TYR A 158 5.61 -7.92 -18.46
C TYR A 158 6.60 -8.33 -17.39
N ARG A 159 7.71 -7.59 -17.30
CA ARG A 159 8.87 -8.04 -16.54
C ARG A 159 9.13 -7.10 -15.38
N LEU A 160 9.31 -7.68 -14.19
CA LEU A 160 9.88 -7.02 -13.03
C LEU A 160 11.18 -7.74 -12.71
N LEU A 161 12.28 -7.00 -12.67
CA LEU A 161 13.59 -7.60 -12.43
C LEU A 161 14.20 -6.91 -11.21
N ARG A 162 14.49 -7.69 -10.18
CA ARG A 162 15.18 -7.19 -9.00
C ARG A 162 14.40 -6.02 -8.38
N SER A 163 13.09 -6.18 -8.30
CA SER A 163 12.27 -5.15 -7.66
C SER A 163 12.36 -5.28 -6.14
N PRO A 164 12.47 -4.16 -5.42
CA PRO A 164 12.57 -4.24 -3.96
C PRO A 164 11.37 -4.95 -3.37
N MET A 165 11.65 -5.95 -2.53
CA MET A 165 10.60 -6.64 -1.81
C MET A 165 9.90 -5.66 -0.89
N CYS A 166 8.59 -5.77 -0.77
CA CYS A 166 7.88 -4.77 0.01
C CYS A 166 8.30 -4.84 1.47
N GLU A 167 8.32 -3.66 2.11
CA GLU A 167 8.93 -3.52 3.42
C GLU A 167 8.31 -4.45 4.44
N TYR A 168 6.98 -4.63 4.38
CA TYR A 168 6.31 -5.46 5.37
C TYR A 168 6.87 -6.88 5.36
N LEU A 169 7.10 -7.42 4.16
CA LEU A 169 7.60 -8.79 4.05
C LEU A 169 9.06 -8.88 4.49
N VAL A 170 9.87 -7.86 4.17
CA VAL A 170 11.27 -7.88 4.60
C VAL A 170 11.35 -7.94 6.12
N ASN A 171 10.60 -7.08 6.81
CA ASN A 171 10.62 -7.08 8.26
C ASN A 171 10.07 -8.39 8.83
N PHE A 172 9.02 -8.93 8.21
CA PHE A 172 8.47 -10.21 8.63
C PHE A 172 9.48 -11.34 8.48
N LEU A 173 10.15 -11.41 7.32
CA LEU A 173 11.19 -12.42 7.10
C LEU A 173 12.31 -12.29 8.12
N HIS A 174 12.71 -11.07 8.44
CA HIS A 174 13.78 -10.87 9.43
C HIS A 174 13.44 -11.49 10.77
N LYS A 175 12.17 -11.48 11.15
CA LYS A 175 11.72 -12.05 12.42
C LYS A 175 11.44 -13.55 12.30
N LEU A 176 10.77 -13.95 11.23
CA LEU A 176 10.47 -15.35 11.00
C LEU A 176 11.73 -16.20 10.97
N ARG A 177 12.83 -15.62 10.50
CA ARG A 177 14.09 -16.33 10.34
C ARG A 177 14.68 -16.73 11.68
N GLN A 178 14.38 -16.00 12.74
CA GLN A 178 14.94 -16.26 14.06
C GLN A 178 14.30 -17.44 14.76
N LEU A 179 13.23 -18.01 14.22
CA LEU A 179 12.50 -19.04 14.96
C LEU A 179 13.30 -20.33 14.98
N PRO A 180 13.33 -21.03 16.13
CA PRO A 180 14.21 -22.18 16.28
C PRO A 180 13.69 -23.48 15.69
N GLU A 181 12.42 -23.56 15.32
CA GLU A 181 11.83 -24.80 14.84
C GLU A 181 11.01 -24.53 13.59
N ARG A 182 11.09 -25.45 12.63
CA ARG A 182 10.28 -25.31 11.43
C ARG A 182 8.80 -25.34 11.77
N TYR A 183 8.40 -26.18 12.72
CA TYR A 183 6.97 -26.25 13.04
C TYR A 183 6.47 -24.92 13.58
N MET A 184 7.30 -24.20 14.32
CA MET A 184 6.89 -22.87 14.80
C MET A 184 6.74 -21.89 13.64
N MET A 185 7.64 -21.97 12.65
CA MET A 185 7.48 -21.15 11.46
C MET A 185 6.16 -21.46 10.74
N ASN A 186 5.79 -22.74 10.66
CA ASN A 186 4.53 -23.09 10.00
C ASN A 186 3.34 -22.58 10.79
N SER A 187 3.41 -22.63 12.12
CA SER A 187 2.35 -22.03 12.93
C SER A 187 2.21 -20.53 12.65
N VAL A 188 3.33 -19.83 12.50
CA VAL A 188 3.24 -18.40 12.23
C VAL A 188 2.70 -18.15 10.82
N LEU A 189 3.12 -18.96 9.85
CA LEU A 189 2.74 -18.75 8.45
C LEU A 189 1.32 -19.22 8.13
N GLU A 190 0.72 -20.09 8.94
CA GLU A 190 -0.61 -20.58 8.58
C GLU A 190 -1.65 -19.45 8.59
N ASN A 191 -1.37 -18.33 9.24
CA ASN A 191 -2.27 -17.19 9.26
C ASN A 191 -1.90 -16.11 8.26
N PHE A 192 -0.92 -16.37 7.41
CA PHE A 192 -0.34 -15.38 6.52
C PHE A 192 -0.66 -15.77 5.08
N THR A 193 -1.33 -14.87 4.36
CA THR A 193 -1.72 -15.15 2.98
C THR A 193 -1.55 -13.90 2.12
N ILE A 194 -1.45 -14.10 0.81
CA ILE A 194 -1.32 -13.01 -0.14
C ILE A 194 -2.30 -13.25 -1.26
N LEU A 195 -3.02 -12.21 -1.66
CA LEU A 195 -3.96 -12.27 -2.76
C LEU A 195 -3.46 -11.30 -3.82
N GLN A 196 -3.29 -11.79 -5.04
CA GLN A 196 -2.79 -10.95 -6.11
C GLN A 196 -3.84 -10.93 -7.23
N VAL A 197 -4.25 -9.72 -7.61
CA VAL A 197 -5.25 -9.51 -8.64
C VAL A 197 -4.61 -8.73 -9.77
N VAL A 198 -4.62 -9.31 -10.98
CA VAL A 198 -4.09 -8.65 -12.18
C VAL A 198 -5.27 -8.33 -13.08
N THR A 199 -5.46 -7.04 -13.38
CA THR A 199 -6.51 -6.59 -14.25
C THR A 199 -5.93 -5.87 -15.47
N ASN A 200 -6.66 -5.96 -16.57
CA ASN A 200 -6.42 -5.10 -17.73
C ASN A 200 -6.74 -3.67 -17.32
N ARG A 201 -5.72 -2.81 -17.25
CA ARG A 201 -5.93 -1.47 -16.74
C ARG A 201 -6.97 -0.70 -17.53
N ASP A 202 -6.99 -0.89 -18.85
CA ASP A 202 -7.84 -0.06 -19.69
C ASP A 202 -9.29 -0.55 -19.70
N THR A 203 -9.51 -1.85 -19.61
CA THR A 203 -10.88 -2.39 -19.63
C THR A 203 -11.40 -2.75 -18.25
N GLN A 204 -10.54 -2.78 -17.22
CA GLN A 204 -10.87 -3.22 -15.87
C GLN A 204 -11.20 -4.70 -15.79
N GLU A 205 -11.01 -5.44 -16.88
CA GLU A 205 -11.21 -6.88 -16.87
C GLU A 205 -10.22 -7.56 -15.93
N LEU A 206 -10.72 -8.48 -15.12
CA LEU A 206 -9.84 -9.35 -14.36
C LEU A 206 -9.12 -10.29 -15.32
N LEU A 207 -7.80 -10.36 -15.20
CA LEU A 207 -7.02 -11.29 -16.02
C LEU A 207 -6.59 -12.51 -15.23
N LEU A 208 -6.19 -12.31 -13.98
CA LEU A 208 -5.59 -13.36 -13.18
C LEU A 208 -5.75 -12.96 -11.72
N CYS A 209 -6.19 -13.91 -10.91
CA CYS A 209 -6.29 -13.75 -9.47
C CYS A 209 -5.67 -14.98 -8.83
N THR A 210 -4.63 -14.79 -8.02
CA THR A 210 -3.91 -15.89 -7.40
C THR A 210 -3.91 -15.70 -5.89
N ALA A 211 -4.33 -16.73 -5.17
CA ALA A 211 -4.19 -16.76 -3.72
C ALA A 211 -2.95 -17.57 -3.36
N TYR A 212 -2.17 -17.07 -2.41
CA TYR A 212 -0.91 -17.68 -2.00
C TYR A 212 -1.00 -18.08 -0.54
N VAL A 213 -0.62 -19.32 -0.24
CA VAL A 213 -0.50 -19.82 1.13
C VAL A 213 0.90 -20.40 1.28
N PHE A 214 1.36 -20.46 2.54
CA PHE A 214 2.78 -20.63 2.83
C PHE A 214 3.04 -21.63 3.93
N GLU A 215 4.04 -22.49 3.71
CA GLU A 215 4.67 -23.30 4.75
C GLU A 215 6.16 -23.18 4.55
N VAL A 216 6.93 -23.80 5.42
CA VAL A 216 8.38 -23.82 5.27
CA VAL A 216 8.38 -23.83 5.29
C VAL A 216 8.81 -25.20 4.83
N SER A 217 9.89 -25.24 4.05
CA SER A 217 10.54 -26.45 3.61
C SER A 217 11.78 -26.66 4.46
N THR A 218 12.58 -27.64 4.09
CA THR A 218 13.92 -27.80 4.65
C THR A 218 14.94 -27.27 3.64
N SER A 219 16.13 -26.95 4.16
CA SER A 219 17.21 -26.52 3.28
C SER A 219 17.67 -27.65 2.37
N GLU A 220 17.51 -28.90 2.83
CA GLU A 220 17.84 -30.06 2.00
C GLU A 220 16.91 -30.15 0.79
N ARG A 221 15.60 -30.00 1.01
CA ARG A 221 14.63 -30.08 -0.07
C ARG A 221 14.62 -28.82 -0.91
N GLY A 222 14.80 -27.67 -0.27
CA GLY A 222 14.69 -26.42 -0.96
C GLY A 222 13.24 -26.03 -1.19
N ALA A 223 13.06 -24.93 -1.90
CA ALA A 223 11.73 -24.39 -2.09
C ALA A 223 10.91 -25.28 -3.02
N GLN A 224 9.60 -25.28 -2.79
CA GLN A 224 8.71 -26.01 -3.68
C GLN A 224 7.42 -25.21 -3.77
N HIS A 225 6.65 -25.49 -4.83
CA HIS A 225 5.35 -24.87 -5.00
C HIS A 225 4.43 -25.89 -5.66
N HIS A 226 3.14 -25.73 -5.44
CA HIS A 226 2.15 -26.44 -6.22
C HIS A 226 1.02 -25.48 -6.55
N ILE A 227 0.49 -25.64 -7.75
CA ILE A 227 -0.53 -24.75 -8.29
C ILE A 227 -1.84 -25.50 -8.40
N TYR A 228 -2.93 -24.85 -8.02
CA TYR A 228 -4.26 -25.45 -8.02
C TYR A 228 -5.25 -24.51 -8.69
N ARG A 229 -6.23 -25.09 -9.39
CA ARG A 229 -7.33 -24.30 -9.90
C ARG A 229 -8.39 -24.11 -8.82
N LEU A 230 -8.91 -22.89 -8.71
CA LEU A 230 -9.98 -22.61 -7.76
C LEU A 230 -11.32 -22.82 -8.45
N VAL A 231 -12.16 -23.69 -7.87
CA VAL A 231 -13.45 -24.02 -8.44
C VAL A 231 -14.52 -23.85 -7.38
N ARG A 232 -15.77 -23.82 -7.83
CA ARG A 232 -16.91 -23.63 -6.93
C ARG A 232 -18.11 -24.47 -7.36
N ALA B 3 15.00 31.17 5.79
CA ALA B 3 16.12 31.08 4.85
C ALA B 3 15.79 30.08 3.73
N TRP B 4 16.23 28.85 3.92
CA TRP B 4 15.85 27.72 3.09
C TRP B 4 14.77 26.87 3.74
N GLN B 5 14.10 27.42 4.75
CA GLN B 5 13.07 26.69 5.46
C GLN B 5 11.76 26.79 4.71
N ALA B 6 11.01 25.68 4.70
CA ALA B 6 9.79 25.59 3.91
C ALA B 6 8.75 26.58 4.40
N ARG B 7 7.99 27.12 3.43
CA ARG B 7 6.82 27.95 3.69
C ARG B 7 5.52 27.18 3.56
N GLY B 8 5.57 25.95 3.05
CA GLY B 8 4.40 25.13 2.86
C GLY B 8 4.84 23.67 2.87
N LEU B 9 3.88 22.78 2.68
CA LEU B 9 4.21 21.35 2.71
C LEU B 9 4.84 20.99 1.38
N GLY B 10 6.17 20.89 1.35
CA GLY B 10 6.85 20.52 0.13
C GLY B 10 8.33 20.80 0.23
N THR B 11 9.03 20.39 -0.82
CA THR B 11 10.41 20.76 -1.07
C THR B 11 10.49 21.36 -2.46
N ALA B 12 11.69 21.82 -2.82
CA ALA B 12 11.90 22.31 -4.18
C ALA B 12 11.70 21.20 -5.20
N ARG B 13 11.79 19.94 -4.78
CA ARG B 13 11.63 18.82 -5.70
C ARG B 13 10.20 18.33 -5.83
N LEU B 14 9.37 18.48 -4.79
CA LEU B 14 8.00 17.96 -4.82
C LEU B 14 7.14 18.75 -3.85
N GLN B 15 6.05 19.31 -4.34
CA GLN B 15 5.15 20.10 -3.49
C GLN B 15 3.76 19.48 -3.48
N LEU B 16 3.15 19.44 -2.29
CA LEU B 16 1.74 19.10 -2.19
C LEU B 16 0.90 20.26 -2.72
N VAL B 17 -0.07 19.95 -3.57
CA VAL B 17 -1.00 20.95 -4.07
C VAL B 17 -2.32 20.89 -3.32
N GLU B 18 -2.85 19.69 -3.13
CA GLU B 18 -4.10 19.54 -2.42
C GLU B 18 -4.21 18.12 -1.91
N PHE B 19 -4.75 17.98 -0.71
CA PHE B 19 -5.12 16.71 -0.12
C PHE B 19 -6.51 16.87 0.49
N SER B 20 -7.37 15.88 0.29
CA SER B 20 -8.64 15.86 1.00
C SER B 20 -9.09 14.42 1.23
N ALA B 21 -9.79 14.21 2.33
CA ALA B 21 -10.48 12.96 2.63
C ALA B 21 -11.95 13.30 2.80
N PHE B 22 -12.83 12.54 2.12
CA PHE B 22 -14.21 13.00 2.02
C PHE B 22 -15.17 11.82 1.94
N VAL B 23 -16.44 12.15 2.10
CA VAL B 23 -17.53 11.21 1.85
C VAL B 23 -18.57 11.90 0.97
N GLU B 24 -18.98 11.23 -0.09
CA GLU B 24 -20.10 11.66 -0.92
C GLU B 24 -21.33 10.84 -0.55
N PRO B 25 -22.37 11.44 0.01
CA PRO B 25 -23.55 10.67 0.40
C PRO B 25 -24.22 10.01 -0.79
N PRO B 26 -24.96 8.92 -0.58
CA PRO B 26 -25.53 8.18 -1.73
C PRO B 26 -26.38 9.03 -2.65
N ASP B 27 -27.12 10.01 -2.12
CA ASP B 27 -27.97 10.84 -2.96
C ASP B 27 -27.20 11.96 -3.68
N ALA B 28 -25.86 11.94 -3.65
CA ALA B 28 -25.09 12.94 -4.39
C ALA B 28 -25.30 12.83 -5.90
N VAL B 29 -25.90 11.74 -6.37
CA VAL B 29 -26.24 11.64 -7.79
C VAL B 29 -27.40 12.57 -8.12
N ASP B 30 -28.31 12.79 -7.17
CA ASP B 30 -29.43 13.70 -7.39
C ASP B 30 -29.00 15.15 -7.31
N SER B 31 -28.31 15.53 -6.23
CA SER B 31 -27.76 16.87 -6.05
C SER B 31 -26.39 16.70 -5.40
N TYR B 32 -25.33 16.99 -6.14
CA TYR B 32 -23.99 16.62 -5.68
C TYR B 32 -23.62 17.34 -4.39
N GLN B 33 -23.01 16.60 -3.48
CA GLN B 33 -22.42 17.20 -2.29
C GLN B 33 -21.39 16.22 -1.73
N ARG B 34 -20.42 16.76 -1.01
CA ARG B 34 -19.44 15.93 -0.34
C ARG B 34 -19.06 16.60 0.97
N HIS B 35 -18.62 15.79 1.92
CA HIS B 35 -18.22 16.26 3.24
C HIS B 35 -16.72 16.01 3.40
N LEU B 36 -15.98 17.07 3.72
CA LEU B 36 -14.54 16.96 3.92
C LEU B 36 -14.25 16.67 5.39
N PHE B 37 -13.67 15.49 5.65
CA PHE B 37 -13.17 15.20 6.99
C PHE B 37 -11.92 16.02 7.29
N VAL B 38 -10.97 16.04 6.36
CA VAL B 38 -9.75 16.82 6.47
C VAL B 38 -9.41 17.33 5.08
N HIS B 39 -8.68 18.44 5.02
CA HIS B 39 -8.41 19.09 3.74
C HIS B 39 -7.18 19.97 3.87
N ILE B 40 -6.31 19.91 2.86
CA ILE B 40 -5.17 20.83 2.73
C ILE B 40 -5.19 21.36 1.31
N SER B 41 -5.27 22.68 1.16
CA SER B 41 -5.17 23.32 -0.14
C SER B 41 -3.98 24.26 -0.13
N GLN B 42 -3.11 24.14 -1.13
CA GLN B 42 -1.96 25.04 -1.26
C GLN B 42 -1.89 25.65 -2.65
N GLY B 48 6.55 37.61 0.82
CA GLY B 48 7.50 37.47 1.90
C GLY B 48 6.95 36.66 3.06
N ALA B 49 6.31 35.53 2.75
CA ALA B 49 5.73 34.69 3.78
C ALA B 49 6.84 34.09 4.65
N PRO B 50 6.60 33.97 5.95
CA PRO B 50 7.65 33.47 6.86
C PRO B 50 7.70 31.96 6.83
N PRO B 51 8.72 31.35 7.44
CA PRO B 51 8.75 29.89 7.50
C PRO B 51 7.60 29.33 8.32
N LEU B 52 7.25 28.08 8.05
CA LEU B 52 6.36 27.36 8.93
C LEU B 52 7.00 27.23 10.31
N GLU B 53 6.16 27.09 11.33
CA GLU B 53 6.69 26.76 12.64
C GLU B 53 7.31 25.38 12.61
N SER B 54 8.08 25.05 13.63
CA SER B 54 8.77 23.78 13.68
C SER B 54 8.44 23.01 14.95
N VAL B 55 8.48 21.69 14.84
CA VAL B 55 8.34 20.78 15.97
C VAL B 55 9.56 19.86 15.98
N ASP B 56 10.09 19.61 17.18
CA ASP B 56 11.23 18.71 17.27
C ASP B 56 10.78 17.27 17.06
N VAL B 57 11.35 16.59 16.06
CA VAL B 57 10.89 15.25 15.68
C VAL B 57 10.99 14.27 16.84
N ARG B 58 11.93 14.50 17.76
CA ARG B 58 12.07 13.59 18.89
C ARG B 58 10.79 13.51 19.72
N GLN B 59 10.00 14.58 19.74
CA GLN B 59 8.79 14.62 20.54
C GLN B 59 7.64 13.78 19.96
N ILE B 60 7.75 13.28 18.72
CA ILE B 60 6.66 12.48 18.17
C ILE B 60 7.09 11.05 17.88
N TYR B 61 8.33 10.67 18.22
CA TYR B 61 8.84 9.33 17.96
C TYR B 61 7.88 8.25 18.46
N ASP B 62 7.40 8.39 19.69
CA ASP B 62 6.55 7.38 20.30
C ASP B 62 5.15 7.29 19.68
N LYS B 63 4.77 8.18 18.77
CA LYS B 63 3.47 8.09 18.12
C LYS B 63 3.53 7.39 16.77
N PHE B 64 4.70 6.96 16.34
CA PHE B 64 4.85 6.38 15.00
C PHE B 64 5.70 5.12 15.11
N PRO B 65 5.77 4.27 14.08
CA PRO B 65 6.54 3.03 14.21
C PRO B 65 7.99 3.32 14.53
N GLU B 66 8.57 2.48 15.36
CA GLU B 66 9.94 2.65 15.82
C GLU B 66 10.77 1.47 15.34
N LYS B 67 12.04 1.48 15.72
CA LYS B 67 13.02 0.45 15.32
C LYS B 67 13.03 0.41 13.79
N LYS B 68 13.01 -0.77 13.17
CA LYS B 68 13.33 -0.90 11.75
C LYS B 68 12.36 -0.12 10.88
N GLY B 69 12.91 0.75 10.03
CA GLY B 69 12.11 1.55 9.12
C GLY B 69 11.22 2.57 9.79
N GLY B 70 11.47 2.89 11.06
CA GLY B 70 10.65 3.83 11.79
C GLY B 70 10.97 5.27 11.46
N LEU B 71 10.24 6.17 12.13
CA LEU B 71 10.40 7.59 11.85
C LEU B 71 11.81 8.08 12.17
N ARG B 72 12.38 7.61 13.30
CA ARG B 72 13.75 8.00 13.64
C ARG B 72 14.72 7.53 12.57
N GLU B 73 14.57 6.30 12.10
CA GLU B 73 15.45 5.79 11.06
C GLU B 73 15.25 6.53 9.74
N LEU B 74 14.00 6.81 9.38
CA LEU B 74 13.73 7.59 8.17
C LEU B 74 14.36 8.97 8.26
N TYR B 75 14.16 9.66 9.38
CA TYR B 75 14.73 10.99 9.56
C TYR B 75 16.25 10.95 9.53
N ASP B 76 16.85 9.86 10.01
CA ASP B 76 18.30 9.71 9.95
C ASP B 76 18.79 9.66 8.51
N ARG B 77 18.16 8.83 7.67
CA ARG B 77 18.56 8.78 6.27
C ARG B 77 18.27 10.10 5.55
N GLY B 78 17.23 10.81 5.95
CA GLY B 78 16.97 12.15 5.46
C GLY B 78 16.40 12.18 4.04
N PRO B 79 16.38 13.37 3.43
CA PRO B 79 16.92 14.59 4.02
C PRO B 79 15.96 15.23 5.03
N PRO B 80 16.51 15.89 6.04
CA PRO B 80 15.66 16.47 7.09
C PRO B 80 14.61 17.45 6.59
N HIS B 81 14.89 18.20 5.53
CA HIS B 81 13.93 19.23 5.11
C HIS B 81 12.68 18.66 4.45
N ALA B 82 12.64 17.36 4.18
CA ALA B 82 11.49 16.72 3.55
C ALA B 82 10.43 16.27 4.53
N PHE B 83 10.62 16.50 5.83
CA PHE B 83 9.79 15.92 6.88
C PHE B 83 8.85 16.97 7.47
N PHE B 84 7.56 16.63 7.54
CA PHE B 84 6.53 17.54 8.01
C PHE B 84 5.60 16.83 8.98
N LEU B 85 5.08 17.60 9.93
CA LEU B 85 4.03 17.18 10.84
C LEU B 85 2.78 17.98 10.49
N VAL B 86 1.67 17.30 10.29
CA VAL B 86 0.39 17.96 10.06
C VAL B 86 -0.54 17.63 11.22
N LYS B 87 -1.04 18.65 11.89
CA LYS B 87 -2.11 18.47 12.86
C LYS B 87 -3.45 18.76 12.19
N PHE B 88 -4.38 17.82 12.27
CA PHE B 88 -5.70 17.94 11.69
C PHE B 88 -6.73 18.05 12.80
N TRP B 89 -7.64 19.04 12.68
CA TRP B 89 -8.90 19.02 13.42
C TRP B 89 -9.93 18.52 12.44
N ALA B 90 -10.33 17.27 12.60
CA ALA B 90 -11.16 16.60 11.63
C ALA B 90 -12.64 16.90 11.87
N ASP B 91 -13.38 17.06 10.79
CA ASP B 91 -14.80 17.40 10.86
C ASP B 91 -15.58 16.09 10.79
N LEU B 92 -16.09 15.64 11.94
CA LEU B 92 -16.83 14.38 12.02
C LEU B 92 -18.31 14.61 12.17
N ASN B 93 -18.79 15.79 11.82
CA ASN B 93 -20.21 16.11 11.87
C ASN B 93 -20.74 15.96 10.45
N TRP B 94 -21.26 14.78 10.16
CA TRP B 94 -21.86 14.46 8.86
C TRP B 94 -22.92 13.38 9.05
N GLY B 110 -24.30 4.72 3.46
CA GLY B 110 -23.32 5.68 3.94
C GLY B 110 -22.83 6.63 2.88
N GLY B 111 -22.38 6.08 1.75
CA GLY B 111 -21.88 6.85 0.63
C GLY B 111 -20.51 6.34 0.19
N PHE B 112 -19.83 7.14 -0.62
CA PHE B 112 -18.50 6.80 -1.11
C PHE B 112 -17.47 7.57 -0.30
N TYR B 113 -16.57 6.84 0.35
CA TYR B 113 -15.47 7.41 1.12
C TYR B 113 -14.23 7.44 0.24
N GLY B 114 -13.68 8.64 0.02
CA GLY B 114 -12.56 8.79 -0.89
C GLY B 114 -11.47 9.69 -0.33
N VAL B 115 -10.31 9.60 -0.98
CA VAL B 115 -9.14 10.42 -0.65
CA VAL B 115 -9.18 10.47 -0.65
C VAL B 115 -8.54 10.92 -1.96
N SER B 116 -8.20 12.21 -2.02
CA SER B 116 -7.63 12.80 -3.22
C SER B 116 -6.33 13.51 -2.88
N SER B 117 -5.30 13.30 -3.69
CA SER B 117 -3.98 13.90 -3.51
CA SER B 117 -4.00 13.94 -3.50
C SER B 117 -3.47 14.41 -4.85
N GLN B 118 -2.78 15.56 -4.82
CA GLN B 118 -2.16 16.13 -6.00
C GLN B 118 -0.84 16.75 -5.61
N TYR B 119 0.21 16.44 -6.37
CA TYR B 119 1.55 16.99 -6.17
C TYR B 119 2.04 17.61 -7.46
N GLU B 120 3.10 18.41 -7.35
CA GLU B 120 3.74 19.03 -8.51
C GLU B 120 5.25 18.96 -8.36
N SER B 121 5.94 18.96 -9.50
CA SER B 121 7.40 18.94 -9.52
CA SER B 121 7.39 18.95 -9.52
C SER B 121 7.86 19.49 -10.85
N LEU B 122 9.13 19.89 -10.87
CA LEU B 122 9.74 20.36 -12.11
C LEU B 122 10.51 19.27 -12.83
N GLU B 123 10.75 18.13 -12.20
CA GLU B 123 11.38 17.00 -12.85
C GLU B 123 10.39 15.86 -12.99
N HIS B 124 10.57 15.07 -14.04
CA HIS B 124 9.71 13.93 -14.34
C HIS B 124 10.12 12.76 -13.47
N MET B 125 9.18 12.26 -12.68
CA MET B 125 9.47 11.16 -11.77
C MET B 125 8.30 10.20 -11.78
N THR B 126 8.54 9.02 -11.23
CA THR B 126 7.48 8.08 -10.85
C THR B 126 7.49 8.02 -9.34
N LEU B 127 6.37 8.40 -8.72
CA LEU B 127 6.29 8.43 -7.27
C LEU B 127 5.73 7.13 -6.75
N THR B 128 6.22 6.73 -5.58
CA THR B 128 5.64 5.66 -4.79
C THR B 128 5.24 6.27 -3.46
N CYS B 129 3.96 6.14 -3.09
CA CYS B 129 3.44 6.70 -1.86
CA CYS B 129 3.42 6.71 -1.87
C CYS B 129 3.02 5.56 -0.95
N SER B 130 3.60 5.52 0.24
CA SER B 130 3.25 4.56 1.28
C SER B 130 2.52 5.31 2.38
N SER B 131 1.32 4.83 2.75
CA SER B 131 0.54 5.43 3.84
C SER B 131 0.36 4.38 4.92
N LYS B 132 0.87 4.66 6.12
CA LYS B 132 0.82 3.71 7.23
C LYS B 132 -0.11 4.23 8.31
N VAL B 133 -1.15 3.45 8.63
CA VAL B 133 -2.03 3.77 9.75
C VAL B 133 -1.47 3.12 10.99
N CYS B 134 -1.36 3.89 12.07
CA CYS B 134 -0.74 3.41 13.30
C CYS B 134 -1.68 3.58 14.48
N SER B 135 -1.71 2.59 15.36
CA SER B 135 -2.49 2.64 16.59
C SER B 135 -1.53 2.44 17.75
N PHE B 136 -1.52 3.40 18.68
CA PHE B 136 -0.58 3.39 19.79
C PHE B 136 0.87 3.30 19.29
N GLY B 137 1.13 3.98 18.19
CA GLY B 137 2.46 3.98 17.60
C GLY B 137 2.81 2.79 16.72
N LYS B 138 2.01 1.73 16.71
CA LYS B 138 2.34 0.53 15.94
C LYS B 138 1.55 0.50 14.63
N GLN B 139 2.22 0.07 13.57
CA GLN B 139 1.61 0.01 12.25
C GLN B 139 0.54 -1.08 12.21
N VAL B 140 -0.67 -0.71 11.79
CA VAL B 140 -1.78 -1.65 11.69
C VAL B 140 -2.12 -1.98 10.24
N VAL B 141 -2.14 -1.00 9.33
CA VAL B 141 -2.36 -1.26 7.92
CA VAL B 141 -2.41 -1.22 7.91
C VAL B 141 -1.50 -0.31 7.09
N GLU B 142 -1.23 -0.71 5.86
CA GLU B 142 -0.41 0.08 4.96
C GLU B 142 -0.98 -0.02 3.55
N LYS B 143 -0.92 1.08 2.81
CA LYS B 143 -1.29 1.10 1.40
C LYS B 143 -0.15 1.71 0.61
N VAL B 144 0.23 1.07 -0.49
CA VAL B 144 1.34 1.51 -1.32
C VAL B 144 0.83 1.65 -2.75
N GLU B 145 1.05 2.82 -3.35
CA GLU B 145 0.55 3.10 -4.69
C GLU B 145 1.57 3.92 -5.46
N THR B 146 1.47 3.87 -6.77
CA THR B 146 2.42 4.51 -7.66
C THR B 146 1.70 5.49 -8.57
N GLU B 147 2.35 6.61 -8.90
CA GLU B 147 1.79 7.56 -9.84
C GLU B 147 2.90 8.14 -10.72
N ARG B 148 2.70 8.07 -12.04
CA ARG B 148 3.61 8.66 -12.99
C ARG B 148 3.22 10.12 -13.25
N ALA B 149 4.21 10.92 -13.63
CA ALA B 149 3.98 12.33 -13.85
C ALA B 149 3.17 12.58 -15.11
N GLN B 150 2.44 13.69 -15.13
CA GLN B 150 1.78 14.21 -16.33
C GLN B 150 2.39 15.58 -16.63
N LEU B 151 2.89 15.75 -17.85
CA LEU B 151 3.51 17.01 -18.25
C LEU B 151 2.42 18.01 -18.61
N GLU B 152 2.34 19.12 -17.87
CA GLU B 152 1.30 20.11 -18.07
C GLU B 152 1.88 21.49 -17.83
N ASP B 153 1.90 22.31 -18.88
CA ASP B 153 2.30 23.71 -18.75
C ASP B 153 3.71 23.84 -18.17
N GLY B 154 4.63 23.06 -18.70
CA GLY B 154 6.02 23.15 -18.27
C GLY B 154 6.31 22.59 -16.90
N ARG B 155 5.41 21.80 -16.32
CA ARG B 155 5.65 21.18 -15.02
C ARG B 155 4.92 19.85 -14.98
N PHE B 156 5.29 19.01 -14.00
CA PHE B 156 4.79 17.65 -13.91
C PHE B 156 3.82 17.52 -12.75
N VAL B 157 2.64 17.00 -13.03
CA VAL B 157 1.57 16.89 -12.04
C VAL B 157 1.33 15.41 -11.75
N TYR B 158 1.11 15.10 -10.48
CA TYR B 158 0.82 13.74 -10.01
C TYR B 158 -0.57 13.78 -9.39
N ARG B 159 -1.54 13.14 -10.05
CA ARG B 159 -2.93 13.14 -9.56
C ARG B 159 -3.32 11.73 -9.09
N LEU B 160 -3.71 11.64 -7.83
CA LEU B 160 -4.25 10.42 -7.24
C LEU B 160 -5.62 10.76 -6.68
N LEU B 161 -6.59 10.96 -7.57
CA LEU B 161 -7.88 11.52 -7.22
C LEU B 161 -8.91 10.42 -7.01
N ARG B 162 -9.78 10.62 -6.01
CA ARG B 162 -10.91 9.73 -5.74
C ARG B 162 -10.46 8.30 -5.46
N SER B 163 -9.31 8.17 -4.82
CA SER B 163 -8.88 6.87 -4.33
CA SER B 163 -8.89 6.87 -4.33
C SER B 163 -9.85 6.42 -3.25
N PRO B 164 -10.38 5.20 -3.32
CA PRO B 164 -11.28 4.73 -2.26
C PRO B 164 -10.56 4.70 -0.92
N MET B 165 -11.18 5.30 0.09
CA MET B 165 -10.60 5.28 1.42
C MET B 165 -10.49 3.84 1.90
N CYS B 166 -9.37 3.48 2.50
CA CYS B 166 -9.20 2.08 2.84
C CYS B 166 -10.18 1.68 3.93
N GLU B 167 -10.55 0.39 3.91
CA GLU B 167 -11.68 -0.09 4.69
C GLU B 167 -11.46 0.10 6.19
N TYR B 168 -10.22 -0.05 6.66
CA TYR B 168 -9.93 0.15 8.08
C TYR B 168 -10.32 1.56 8.53
N LEU B 169 -10.03 2.57 7.70
CA LEU B 169 -10.33 3.94 8.08
C LEU B 169 -11.82 4.24 8.00
N VAL B 170 -12.50 3.70 6.99
CA VAL B 170 -13.94 3.90 6.90
C VAL B 170 -14.63 3.29 8.10
N ASN B 171 -14.20 2.09 8.51
CA ASN B 171 -14.78 1.46 9.67
C ASN B 171 -14.46 2.23 10.94
N PHE B 172 -13.22 2.75 11.04
CA PHE B 172 -12.82 3.56 12.18
C PHE B 172 -13.65 4.82 12.31
N LEU B 173 -13.92 5.49 11.18
CA LEU B 173 -14.71 6.72 11.21
C LEU B 173 -16.12 6.46 11.71
N HIS B 174 -16.73 5.35 11.28
CA HIS B 174 -18.09 5.06 11.72
C HIS B 174 -18.13 4.76 13.21
N LYS B 175 -17.16 3.99 13.71
CA LYS B 175 -17.09 3.75 15.15
C LYS B 175 -16.83 5.04 15.91
N LEU B 176 -15.89 5.86 15.43
CA LEU B 176 -15.54 7.10 16.11
C LEU B 176 -16.75 8.04 16.23
N ARG B 177 -17.48 8.23 15.14
CA ARG B 177 -18.59 9.20 15.16
C ARG B 177 -19.69 8.81 16.15
N GLN B 178 -19.74 7.56 16.59
CA GLN B 178 -20.79 7.12 17.49
C GLN B 178 -20.40 7.18 18.96
N LEU B 179 -19.20 7.64 19.29
CA LEU B 179 -18.83 7.75 20.69
C LEU B 179 -19.70 8.80 21.37
N PRO B 180 -20.12 8.56 22.61
CA PRO B 180 -21.11 9.46 23.25
C PRO B 180 -20.56 10.82 23.64
N GLU B 181 -19.24 11.00 23.64
CA GLU B 181 -18.66 12.25 24.14
C GLU B 181 -17.52 12.67 23.23
N ARG B 182 -17.43 13.97 23.00
CA ARG B 182 -16.40 14.51 22.13
C ARG B 182 -15.01 14.34 22.76
N TYR B 183 -14.92 14.37 24.09
CA TYR B 183 -13.62 14.14 24.72
C TYR B 183 -13.14 12.71 24.50
N MET B 184 -14.07 11.76 24.47
CA MET B 184 -13.71 10.37 24.17
C MET B 184 -13.18 10.23 22.75
N MET B 185 -13.74 10.99 21.80
CA MET B 185 -13.18 10.96 20.45
C MET B 185 -11.74 11.44 20.44
N ASN B 186 -11.46 12.53 21.15
CA ASN B 186 -10.10 13.03 21.19
C ASN B 186 -9.17 12.06 21.93
N SER B 187 -9.68 11.40 22.98
CA SER B 187 -8.87 10.39 23.65
C SER B 187 -8.50 9.26 22.69
N VAL B 188 -9.44 8.83 21.84
CA VAL B 188 -9.16 7.75 20.90
C VAL B 188 -8.18 8.23 19.83
N LEU B 189 -8.41 9.44 19.29
CA LEU B 189 -7.56 9.97 18.25
C LEU B 189 -6.15 10.30 18.73
N GLU B 190 -5.97 10.52 20.03
CA GLU B 190 -4.63 10.70 20.58
C GLU B 190 -3.69 9.57 20.17
N ASN B 191 -4.22 8.35 20.03
CA ASN B 191 -3.42 7.15 19.77
C ASN B 191 -3.58 6.66 18.33
N PHE B 192 -3.93 7.55 17.41
CA PHE B 192 -4.19 7.20 16.03
C PHE B 192 -3.40 8.18 15.19
N THR B 193 -2.50 7.65 14.37
CA THR B 193 -1.64 8.51 13.55
C THR B 193 -1.46 7.85 12.19
N ILE B 194 -1.06 8.67 11.23
CA ILE B 194 -0.80 8.19 9.88
C ILE B 194 0.54 8.75 9.44
N LEU B 195 1.39 7.88 8.89
CA LEU B 195 2.69 8.27 8.37
C LEU B 195 2.70 8.04 6.88
N GLN B 196 2.96 9.09 6.12
CA GLN B 196 2.98 9.03 4.66
C GLN B 196 4.39 9.30 4.16
N VAL B 197 4.89 8.42 3.29
CA VAL B 197 6.25 8.55 2.74
C VAL B 197 6.17 8.49 1.21
N VAL B 198 6.61 9.56 0.56
CA VAL B 198 6.66 9.64 -0.91
C VAL B 198 8.11 9.52 -1.32
N THR B 199 8.40 8.52 -2.15
CA THR B 199 9.76 8.27 -2.63
C THR B 199 9.78 8.30 -4.15
N ASN B 200 10.94 8.66 -4.70
CA ASN B 200 11.23 8.42 -6.11
C ASN B 200 11.32 6.92 -6.33
N ARG B 201 10.37 6.37 -7.12
CA ARG B 201 10.33 4.90 -7.25
C ARG B 201 11.60 4.35 -7.89
N ASP B 202 12.20 5.09 -8.81
CA ASP B 202 13.35 4.57 -9.54
C ASP B 202 14.63 4.59 -8.69
N THR B 203 14.79 5.59 -7.84
CA THR B 203 15.99 5.71 -7.02
C THR B 203 15.78 5.34 -5.56
N GLN B 204 14.54 5.12 -5.13
CA GLN B 204 14.15 4.87 -3.75
C GLN B 204 14.51 6.03 -2.81
N GLU B 205 14.87 7.20 -3.33
CA GLU B 205 15.18 8.31 -2.45
C GLU B 205 13.90 8.95 -1.93
N LEU B 206 13.99 9.45 -0.69
CA LEU B 206 12.82 10.06 -0.06
CA LEU B 206 12.83 10.06 -0.05
C LEU B 206 12.61 11.47 -0.59
N LEU B 207 11.36 11.79 -0.91
CA LEU B 207 10.99 13.11 -1.39
C LEU B 207 10.19 13.91 -0.38
N LEU B 208 9.32 13.24 0.37
CA LEU B 208 8.40 13.93 1.27
C LEU B 208 7.92 12.93 2.28
N CYS B 209 8.00 13.27 3.56
CA CYS B 209 7.48 12.43 4.62
C CYS B 209 6.59 13.29 5.49
N THR B 210 5.33 12.86 5.67
CA THR B 210 4.36 13.63 6.43
C THR B 210 3.80 12.77 7.55
N ALA B 211 3.92 13.26 8.77
CA ALA B 211 3.33 12.63 9.95
C ALA B 211 2.03 13.35 10.29
N TYR B 212 0.95 12.59 10.47
CA TYR B 212 -0.37 13.16 10.72
C TYR B 212 -0.85 12.79 12.11
N VAL B 213 -1.26 13.81 12.87
CA VAL B 213 -1.89 13.64 14.18
C VAL B 213 -3.24 14.33 14.13
N PHE B 214 -4.18 13.88 14.98
CA PHE B 214 -5.59 14.20 14.80
C PHE B 214 -6.26 14.61 16.10
N GLU B 215 -7.16 15.58 15.99
CA GLU B 215 -8.18 15.88 16.99
C GLU B 215 -9.50 16.07 16.27
N VAL B 216 -10.60 16.03 17.02
CA VAL B 216 -11.90 16.27 16.44
CA VAL B 216 -11.93 16.26 16.48
C VAL B 216 -12.23 17.75 16.58
N SER B 217 -12.74 18.34 15.50
CA SER B 217 -13.20 19.71 15.57
C SER B 217 -14.55 19.76 16.29
N THR B 218 -14.85 20.88 16.92
CA THR B 218 -16.17 21.00 17.53
C THR B 218 -17.25 20.91 16.45
N SER B 219 -18.49 20.70 16.89
CA SER B 219 -19.56 20.38 15.95
C SER B 219 -19.87 21.55 15.00
N GLU B 220 -19.61 22.79 15.44
CA GLU B 220 -19.91 23.98 14.64
C GLU B 220 -18.81 24.40 13.69
N ARG B 221 -17.60 23.88 13.88
CA ARG B 221 -16.44 24.31 13.11
C ARG B 221 -16.03 23.22 12.12
N GLY B 222 -15.77 23.62 10.89
CA GLY B 222 -15.30 22.70 9.88
C GLY B 222 -13.86 22.29 10.15
N ALA B 223 -13.32 21.50 9.22
CA ALA B 223 -11.97 20.98 9.35
C ALA B 223 -10.94 22.11 9.28
N GLN B 224 -9.88 22.00 10.07
CA GLN B 224 -8.74 22.89 9.98
C GLN B 224 -7.48 22.05 10.04
N HIS B 225 -6.34 22.69 9.76
CA HIS B 225 -5.04 22.03 9.89
C HIS B 225 -3.97 23.06 10.23
N HIS B 226 -2.83 22.54 10.66
CA HIS B 226 -1.64 23.33 10.96
C HIS B 226 -0.44 22.49 10.56
N ILE B 227 0.43 23.05 9.71
CA ILE B 227 1.59 22.35 9.16
C ILE B 227 2.86 22.84 9.85
N TYR B 228 3.74 21.89 10.20
CA TYR B 228 4.97 22.17 10.91
C TYR B 228 6.13 21.51 10.19
N ARG B 229 7.29 22.15 10.18
CA ARG B 229 8.51 21.46 9.80
C ARG B 229 8.99 20.61 10.97
N LEU B 230 9.47 19.41 10.67
CA LEU B 230 10.06 18.55 11.70
C LEU B 230 11.58 18.79 11.72
N VAL B 231 12.10 19.23 12.87
CA VAL B 231 13.50 19.54 13.03
C VAL B 231 14.09 18.66 14.11
N ARG B 232 15.42 18.55 14.10
CA ARG B 232 16.15 17.78 15.11
C ARG B 232 17.53 18.38 15.34
C1 GOL C . -5.35 -12.79 -25.52
O1 GOL C . -4.56 -13.82 -26.02
C2 GOL C . -4.40 -11.69 -24.99
O2 GOL C . -3.26 -12.18 -24.36
C3 GOL C . -5.27 -10.75 -24.08
O3 GOL C . -6.31 -10.25 -24.85
C4 QSJ D . 5.37 -9.67 -4.07
C5 QSJ D . 5.88 -10.58 -3.14
C6 QSJ D . 5.28 -11.83 -2.81
C7 QSJ D . 4.06 -12.16 -3.46
C9 QSJ D . 3.90 -14.50 -3.89
C10 QSJ D . 5.99 -12.65 -1.80
C11 QSJ D . 7.17 -12.50 -1.21
C12 QSJ D . 7.76 -13.48 -0.28
C13 QSJ D . 9.09 -13.65 0.12
C14 QSJ D . 9.47 -14.65 1.01
O8 QSJ D . 3.44 -13.35 -3.17
C15 QSJ D . 8.50 -15.50 1.51
C1 QSJ D . 2.20 -11.59 -5.13
C16 QSJ D . 7.18 -15.37 1.15
C17 QSJ D . 6.83 -14.37 0.27
C2 QSJ D . 3.50 -11.27 -4.42
C20 QSJ D . 5.91 -7.69 -5.71
C21 QSJ D . 6.35 -6.21 -5.46
C23 QSJ D . 7.36 -6.33 -4.31
C25 QSJ D . 6.85 -7.62 -3.54
C3 QSJ D . 4.16 -10.05 -4.70
N19 QSJ D . 6.01 -8.39 -4.41
O26 QSJ D . 7.16 -7.86 -2.43
O27 QSJ D . 7.33 -5.23 -3.48
O28 QSJ D . 5.25 -5.52 -5.00
CL18 QSJ D . 8.92 -16.75 2.60
C TRS E . -19.98 22.15 9.95
C1 TRS E . -20.18 21.38 8.64
C2 TRS E . -19.06 21.39 10.90
C3 TRS E . -19.36 23.52 9.66
N TRS E . -21.28 22.32 10.59
O1 TRS E . -18.97 21.31 7.92
O2 TRS E . -19.33 20.01 10.84
O3 TRS E . -20.07 24.17 8.63
C4 QSJ F . -4.95 8.16 3.08
C5 QSJ F . -5.82 8.64 4.07
C6 QSJ F . -5.45 9.54 5.10
C7 QSJ F . -4.12 9.98 5.13
C9 QSJ F . -4.00 12.24 6.01
C10 QSJ F . -6.53 9.94 6.06
C11 QSJ F . -7.80 9.57 6.17
C12 QSJ F . -8.75 10.13 7.14
C13 QSJ F . -10.12 10.33 6.98
C14 QSJ F . -10.91 10.87 7.99
O8 QSJ F . -3.67 10.86 6.11
C15 QSJ F . -10.32 11.25 9.18
C1 QSJ F . -1.77 9.99 4.18
C16 QSJ F . -8.97 11.09 9.39
C17 QSJ F . -8.20 10.53 8.36
C2 QSJ F . -3.20 9.53 4.16
C20 QSJ F . -4.59 7.04 0.70
C21 QSJ F . -4.98 5.62 0.21
C23 QSJ F . -6.43 5.49 0.67
C25 QSJ F . -6.41 6.32 2.00
C3 QSJ F . -3.63 8.64 3.17
N19 QSJ F . -5.31 7.23 2.01
O26 QSJ F . -7.21 6.15 2.85
O27 QSJ F . -6.73 4.17 0.98
O28 QSJ F . -4.25 4.72 0.96
CL18 QSJ F . -11.28 11.93 10.41
#